data_9FYB
#
_entry.id   9FYB
#
_cell.length_a   94.449
_cell.length_b   107.344
_cell.length_c   62.344
_cell.angle_alpha   90.00
_cell.angle_beta   128.96
_cell.angle_gamma   90.00
#
_symmetry.space_group_name_H-M   'C 1 2 1'
#
loop_
_entity.id
_entity.type
_entity.pdbx_description
1 polymer 'Probable nicotinate-nucleotide adenylyltransferase'
2 non-polymer 'BETA-NICOTINAMIDE RIBOSE MONOPHOSPHATE'
3 non-polymer 'TRIETHYLENE GLYCOL'
4 non-polymer DI(HYDROXYETHYL)ETHER
5 non-polymer 'PHOSPHATE ION'
6 non-polymer 'MAGNESIUM ION'
7 water water
#
_entity_poly.entity_id   1
_entity_poly.type   'polypeptide(L)'
_entity_poly.pdbx_seq_one_letter_code
;NTQAKTFVRSQLFPEEMPQFLEKKKQVGILGGTFNPVHLAHLVMAEQAGRNLGLDRVFLMPSYQPPHVDEKQTIDAKHRL
NMLELAVEDNPFLQIETIELARGGKSYTYDTMKELTQNNPDTDYYFIIGGDMVEYLPKWYKIDELTSMVNFVGIRRPGYT
TDTPYPVIWVDVPEIDISSTKIRQKIKEGCSIRYLVPDKVIDYIQNEGLYEYGL
;
_entity_poly.pdbx_strand_id   A,B
#
# COMPACT_ATOMS: atom_id res chain seq x y z
N PHE A 20 19.46 -18.63 -12.91
CA PHE A 20 19.98 -18.50 -14.30
C PHE A 20 19.16 -17.40 -14.98
N LEU A 21 17.89 -17.30 -14.63
CA LEU A 21 17.08 -16.17 -15.16
C LEU A 21 16.42 -15.48 -13.97
N GLU A 22 15.48 -14.57 -14.21
CA GLU A 22 14.90 -13.77 -13.09
C GLU A 22 13.87 -14.59 -12.30
N LYS A 23 14.11 -14.81 -11.01
CA LYS A 23 13.11 -15.48 -10.20
C LYS A 23 12.10 -14.45 -9.70
N LYS A 24 10.82 -14.68 -9.98
CA LYS A 24 9.78 -13.89 -9.38
C LYS A 24 9.79 -14.09 -7.87
N LYS A 25 9.51 -13.03 -7.13
CA LYS A 25 9.30 -13.19 -5.70
C LYS A 25 8.00 -13.96 -5.48
N GLN A 26 7.96 -14.71 -4.39
CA GLN A 26 6.82 -15.61 -4.11
C GLN A 26 6.18 -15.12 -2.82
N VAL A 27 5.01 -14.48 -2.92
CA VAL A 27 4.47 -13.70 -1.83
C VAL A 27 3.05 -14.15 -1.51
N GLY A 28 2.83 -14.48 -0.24
CA GLY A 28 1.49 -14.83 0.23
C GLY A 28 0.68 -13.63 0.68
N ILE A 29 -0.63 -13.76 0.57
CA ILE A 29 -1.55 -12.73 1.04
C ILE A 29 -2.63 -13.44 1.83
N LEU A 30 -2.86 -13.03 3.06
CA LEU A 30 -4.00 -13.49 3.85
C LEU A 30 -4.94 -12.32 4.07
N GLY A 31 -6.09 -12.38 3.43
CA GLY A 31 -7.09 -11.35 3.67
C GLY A 31 -7.96 -11.67 4.88
N GLY A 32 -8.74 -10.68 5.29
CA GLY A 32 -9.65 -10.83 6.41
C GLY A 32 -9.92 -9.47 7.02
N THR A 33 -10.78 -9.47 8.03
CA THR A 33 -11.07 -8.24 8.76
C THR A 33 -10.14 -8.01 9.92
N PHE A 34 -9.66 -9.08 10.55
CA PHE A 34 -8.76 -9.02 11.71
C PHE A 34 -9.29 -8.08 12.80
N ASN A 35 -10.47 -8.45 13.31
CA ASN A 35 -11.26 -7.64 14.23
C ASN A 35 -11.54 -8.39 15.54
N PRO A 36 -10.51 -8.69 16.34
CA PRO A 36 -9.09 -8.36 16.20
C PRO A 36 -8.32 -9.51 15.54
N VAL A 37 -7.06 -9.22 15.22
CA VAL A 37 -6.15 -10.27 14.82
C VAL A 37 -5.94 -11.20 16.00
N HIS A 38 -5.82 -12.51 15.74
CA HIS A 38 -5.58 -13.46 16.82
C HIS A 38 -4.60 -14.54 16.39
N LEU A 39 -4.34 -15.48 17.30
CA LEU A 39 -3.34 -16.53 17.07
C LEU A 39 -3.60 -17.36 15.82
N ALA A 40 -4.86 -17.64 15.51
CA ALA A 40 -5.10 -18.50 14.35
C ALA A 40 -4.73 -17.80 13.05
N HIS A 41 -4.94 -16.47 12.95
CA HIS A 41 -4.46 -15.70 11.81
C HIS A 41 -2.96 -15.91 11.62
N LEU A 42 -2.22 -15.81 12.71
CA LEU A 42 -0.76 -15.87 12.65
C LEU A 42 -0.27 -17.27 12.31
N VAL A 43 -0.88 -18.31 12.89
CA VAL A 43 -0.58 -19.69 12.54
C VAL A 43 -0.82 -19.93 11.05
N MET A 44 -2.01 -19.52 10.56
CA MET A 44 -2.33 -19.64 9.13
C MET A 44 -1.28 -18.98 8.25
N ALA A 45 -0.96 -17.70 8.51
CA ALA A 45 -0.02 -17.02 7.62
C ALA A 45 1.35 -17.67 7.70
N GLU A 46 1.77 -18.05 8.89
CA GLU A 46 3.14 -18.54 9.03
C GLU A 46 3.26 -19.93 8.46
N GLN A 47 2.29 -20.79 8.77
CA GLN A 47 2.30 -22.14 8.24
C GLN A 47 2.18 -22.15 6.71
N ALA A 48 1.23 -21.39 6.17
CA ALA A 48 1.08 -21.34 4.72
C ALA A 48 2.37 -20.90 4.05
N GLY A 49 3.01 -19.85 4.57
CA GLY A 49 4.19 -19.34 3.90
C GLY A 49 5.42 -20.20 4.08
N ARG A 50 5.64 -20.71 5.30
CA ARG A 50 6.84 -21.51 5.53
C ARG A 50 6.71 -22.86 4.87
N ASN A 51 5.52 -23.48 4.94
CA ASN A 51 5.36 -24.83 4.44
C ASN A 51 5.44 -24.88 2.92
N LEU A 52 5.12 -23.77 2.25
CA LEU A 52 5.23 -23.61 0.81
C LEU A 52 6.53 -23.00 0.36
N GLY A 53 7.38 -22.55 1.28
CA GLY A 53 8.61 -21.89 0.88
C GLY A 53 8.44 -20.50 0.27
N LEU A 54 7.39 -19.75 0.66
CA LEU A 54 7.22 -18.38 0.16
C LEU A 54 8.29 -17.44 0.75
N ASP A 55 8.50 -16.31 0.06
CA ASP A 55 9.44 -15.28 0.54
C ASP A 55 8.86 -14.44 1.67
N ARG A 56 7.54 -14.30 1.73
CA ARG A 56 6.91 -13.36 2.65
C ARG A 56 5.43 -13.67 2.65
N VAL A 57 4.75 -13.36 3.75
CA VAL A 57 3.30 -13.33 3.77
C VAL A 57 2.84 -11.98 4.32
N PHE A 58 1.89 -11.37 3.62
CA PHE A 58 1.28 -10.13 4.04
C PHE A 58 -0.13 -10.41 4.53
N LEU A 59 -0.45 -9.94 5.73
CA LEU A 59 -1.84 -9.88 6.17
C LEU A 59 -2.50 -8.62 5.62
N MET A 60 -3.66 -8.80 5.02
CA MET A 60 -4.33 -7.74 4.28
C MET A 60 -5.70 -7.44 4.86
N PRO A 61 -5.83 -6.45 5.73
CA PRO A 61 -7.14 -6.13 6.31
C PRO A 61 -8.05 -5.47 5.28
N SER A 62 -9.29 -5.94 5.23
CA SER A 62 -10.31 -5.33 4.39
C SER A 62 -10.79 -4.03 5.00
N TYR A 63 -11.45 -3.22 4.19
CA TYR A 63 -11.99 -1.98 4.72
C TYR A 63 -13.45 -2.19 5.13
N ILE A 74 -15.47 -1.35 13.84
CA ILE A 74 -14.72 -0.34 14.59
C ILE A 74 -13.65 0.32 13.71
N ASP A 75 -12.89 1.26 14.29
CA ASP A 75 -11.97 2.07 13.52
C ASP A 75 -10.91 1.22 12.82
N ALA A 76 -10.63 1.56 11.55
CA ALA A 76 -9.60 0.84 10.82
C ALA A 76 -8.22 1.04 11.45
N LYS A 77 -7.98 2.21 12.04
CA LYS A 77 -6.68 2.48 12.64
C LYS A 77 -6.38 1.53 13.79
N HIS A 78 -7.40 1.11 14.51
CA HIS A 78 -7.19 0.18 15.62
C HIS A 78 -6.82 -1.19 15.09
N ARG A 79 -7.55 -1.69 14.09
CA ARG A 79 -7.21 -2.97 13.48
C ARG A 79 -5.80 -2.94 12.91
N LEU A 80 -5.44 -1.85 12.22
CA LEU A 80 -4.06 -1.67 11.74
C LEU A 80 -3.04 -1.75 12.87
N ASN A 81 -3.25 -0.95 13.93
CA ASN A 81 -2.28 -0.92 15.01
C ASN A 81 -2.12 -2.29 15.66
N MET A 82 -3.23 -3.05 15.81
CA MET A 82 -3.09 -4.40 16.37
C MET A 82 -2.33 -5.34 15.43
N LEU A 83 -2.65 -5.31 14.13
CA LEU A 83 -1.91 -6.12 13.17
C LEU A 83 -0.42 -5.80 13.22
N GLU A 84 -0.07 -4.51 13.19
CA GLU A 84 1.35 -4.18 13.23
C GLU A 84 1.98 -4.67 14.54
N LEU A 85 1.26 -4.57 15.66
CA LEU A 85 1.82 -5.07 16.91
C LEU A 85 1.96 -6.57 16.87
N ALA A 86 1.02 -7.28 16.25
CA ALA A 86 1.05 -8.74 16.21
C ALA A 86 2.22 -9.27 15.40
N VAL A 87 2.70 -8.52 14.41
CA VAL A 87 3.71 -9.04 13.49
C VAL A 87 5.03 -8.28 13.61
N GLU A 88 5.13 -7.37 14.59
CA GLU A 88 6.32 -6.55 14.82
C GLU A 88 7.59 -7.38 14.82
N ASP A 89 7.58 -8.48 15.55
CA ASP A 89 8.80 -9.22 15.83
C ASP A 89 9.02 -10.38 14.87
N ASN A 90 8.31 -10.37 13.74
CA ASN A 90 8.40 -11.44 12.76
C ASN A 90 8.63 -10.82 11.39
N PRO A 91 9.88 -10.76 10.92
CA PRO A 91 10.13 -10.14 9.62
C PRO A 91 9.54 -10.91 8.45
N PHE A 92 8.99 -12.12 8.67
CA PHE A 92 8.33 -12.91 7.60
C PHE A 92 6.89 -12.45 7.34
N LEU A 93 6.23 -11.89 8.35
CA LEU A 93 4.85 -11.43 8.24
C LEU A 93 4.83 -9.92 8.23
N GLN A 94 4.25 -9.36 7.17
CA GLN A 94 4.09 -7.92 6.99
C GLN A 94 2.61 -7.63 6.76
N ILE A 95 2.28 -6.36 6.70
CA ILE A 95 0.91 -5.88 6.59
C ILE A 95 0.75 -5.22 5.23
N GLU A 96 -0.28 -5.63 4.48
CA GLU A 96 -0.60 -4.97 3.22
C GLU A 96 -1.82 -4.08 3.44
N THR A 97 -1.64 -2.76 3.31
CA THR A 97 -2.68 -1.80 3.66
C THR A 97 -3.41 -1.19 2.46
N ILE A 98 -3.33 -1.78 1.25
CA ILE A 98 -3.94 -1.13 0.09
C ILE A 98 -5.45 -1.04 0.24
N GLU A 99 -6.08 -2.06 0.84
CA GLU A 99 -7.54 -2.05 0.92
C GLU A 99 -8.02 -1.04 1.95
N LEU A 100 -7.24 -0.78 3.00
CA LEU A 100 -7.58 0.30 3.93
C LEU A 100 -7.47 1.66 3.28
N ALA A 101 -6.57 1.82 2.31
CA ALA A 101 -6.30 3.15 1.78
C ALA A 101 -7.36 3.57 0.80
N ARG A 102 -7.85 2.60 0.02
CA ARG A 102 -8.87 2.91 -1.01
C ARG A 102 -10.10 3.44 -0.28
N GLY A 103 -10.35 2.95 0.93
CA GLY A 103 -11.47 3.47 1.73
C GLY A 103 -12.82 3.12 1.15
N GLY A 104 -13.04 1.84 0.83
CA GLY A 104 -14.38 1.46 0.37
C GLY A 104 -14.50 -0.03 0.16
N LYS A 105 -15.71 -0.51 -0.17
CA LYS A 105 -15.86 -1.96 -0.51
C LYS A 105 -14.81 -2.28 -1.55
N SER A 106 -13.95 -3.26 -1.28
CA SER A 106 -12.87 -3.53 -2.22
C SER A 106 -12.97 -4.98 -2.69
N TYR A 107 -13.29 -5.16 -3.97
CA TYR A 107 -13.41 -6.52 -4.52
C TYR A 107 -12.03 -7.11 -4.79
N THR A 108 -11.82 -8.36 -4.36
CA THR A 108 -10.52 -8.99 -4.47
C THR A 108 -9.92 -8.86 -5.87
N TYR A 109 -10.77 -8.86 -6.90
CA TYR A 109 -10.28 -8.69 -8.27
C TYR A 109 -9.56 -7.36 -8.44
N ASP A 110 -10.20 -6.27 -8.05
CA ASP A 110 -9.57 -4.96 -8.17
C ASP A 110 -8.32 -4.88 -7.32
N THR A 111 -8.39 -5.41 -6.10
CA THR A 111 -7.21 -5.42 -5.25
C THR A 111 -6.04 -6.12 -5.93
N MET A 112 -6.27 -7.34 -6.43
CA MET A 112 -5.16 -8.09 -6.98
C MET A 112 -4.75 -7.52 -8.32
N LYS A 113 -5.70 -6.89 -9.04
CA LYS A 113 -5.33 -6.11 -10.22
C LYS A 113 -4.28 -5.08 -9.86
N GLU A 114 -4.55 -4.26 -8.85
CA GLU A 114 -3.61 -3.19 -8.56
C GLU A 114 -2.26 -3.73 -8.09
N LEU A 115 -2.27 -4.78 -7.26
CA LEU A 115 -1.00 -5.28 -6.71
C LEU A 115 -0.14 -5.96 -7.76
N THR A 116 -0.73 -6.74 -8.65
CA THR A 116 0.09 -7.35 -9.68
C THR A 116 0.63 -6.32 -10.64
N GLN A 117 -0.15 -5.28 -10.94
CA GLN A 117 0.38 -4.19 -11.77
C GLN A 117 1.43 -3.40 -11.00
N ASN A 118 1.22 -3.20 -9.69
CA ASN A 118 2.25 -2.55 -8.87
C ASN A 118 3.53 -3.38 -8.81
N ASN A 119 3.41 -4.71 -8.85
CA ASN A 119 4.52 -5.62 -8.61
C ASN A 119 4.50 -6.72 -9.66
N PRO A 120 4.85 -6.37 -10.89
CA PRO A 120 4.75 -7.36 -11.98
C PRO A 120 5.75 -8.48 -11.83
N ASP A 121 6.77 -8.31 -10.99
CA ASP A 121 7.79 -9.32 -10.75
C ASP A 121 7.41 -10.29 -9.65
N THR A 122 6.14 -10.32 -9.23
CA THR A 122 5.75 -11.07 -8.06
C THR A 122 4.67 -12.09 -8.41
N ASP A 123 4.88 -13.33 -8.00
CA ASP A 123 3.84 -14.35 -7.99
C ASP A 123 3.11 -14.26 -6.66
N TYR A 124 1.80 -14.11 -6.74
CA TYR A 124 0.99 -13.96 -5.52
C TYR A 124 0.29 -15.26 -5.15
N TYR A 125 0.21 -15.51 -3.86
CA TYR A 125 -0.43 -16.69 -3.32
C TYR A 125 -1.51 -16.21 -2.36
N PHE A 126 -2.77 -16.39 -2.77
CA PHE A 126 -3.92 -15.87 -2.03
C PHE A 126 -4.44 -16.95 -1.11
N ILE A 127 -4.19 -16.80 0.19
CA ILE A 127 -4.48 -17.83 1.18
C ILE A 127 -5.91 -17.67 1.64
N ILE A 128 -6.71 -18.74 1.54
CA ILE A 128 -8.08 -18.71 2.03
C ILE A 128 -8.35 -19.99 2.81
N GLY A 129 -9.26 -19.90 3.77
CA GLY A 129 -9.70 -21.09 4.47
C GLY A 129 -10.23 -22.12 3.49
N GLY A 130 -9.96 -23.39 3.78
CA GLY A 130 -10.51 -24.45 2.96
C GLY A 130 -12.02 -24.42 2.86
N ASP A 131 -12.69 -23.95 3.91
CA ASP A 131 -14.15 -23.90 3.91
C ASP A 131 -14.71 -22.78 3.02
N MET A 132 -13.88 -21.82 2.59
CA MET A 132 -14.31 -20.85 1.59
C MET A 132 -13.93 -21.25 0.17
N VAL A 133 -13.14 -22.30 0.01
CA VAL A 133 -12.59 -22.61 -1.31
C VAL A 133 -13.70 -23.02 -2.28
N GLU A 134 -14.66 -23.82 -1.81
CA GLU A 134 -15.75 -24.25 -2.69
C GLU A 134 -16.63 -23.10 -3.14
N TYR A 135 -16.52 -21.91 -2.53
CA TYR A 135 -17.33 -20.76 -2.88
C TYR A 135 -16.63 -19.79 -3.83
N LEU A 136 -15.44 -20.15 -4.32
CA LEU A 136 -14.69 -19.26 -5.20
C LEU A 136 -15.39 -18.90 -6.51
N PRO A 137 -16.13 -19.79 -7.19
CA PRO A 137 -16.72 -19.40 -8.50
C PRO A 137 -17.77 -18.31 -8.38
N LYS A 138 -18.24 -17.99 -7.17
CA LYS A 138 -19.16 -16.87 -6.97
C LYS A 138 -18.45 -15.54 -6.76
N TRP A 139 -17.12 -15.54 -6.62
CA TRP A 139 -16.37 -14.30 -6.46
C TRP A 139 -16.44 -13.46 -7.73
N TYR A 140 -16.45 -12.14 -7.54
CA TYR A 140 -16.43 -11.22 -8.66
C TYR A 140 -15.24 -11.49 -9.58
N LYS A 141 -15.52 -11.74 -10.86
CA LYS A 141 -14.50 -11.92 -11.90
C LYS A 141 -13.47 -12.97 -11.51
N ILE A 142 -13.95 -14.09 -10.99
CA ILE A 142 -13.04 -15.13 -10.49
C ILE A 142 -12.12 -15.66 -11.59
N ASP A 143 -12.58 -15.72 -12.84
CA ASP A 143 -11.74 -16.34 -13.87
C ASP A 143 -10.58 -15.46 -14.33
N GLU A 144 -10.71 -14.12 -14.24
CA GLU A 144 -9.51 -13.30 -14.41
C GLU A 144 -8.65 -13.29 -13.16
N LEU A 145 -9.27 -13.43 -11.98
CA LEU A 145 -8.52 -13.54 -10.75
C LEU A 145 -7.61 -14.77 -10.75
N THR A 146 -8.14 -15.93 -11.18
CA THR A 146 -7.39 -17.17 -11.09
C THR A 146 -6.20 -17.20 -12.03
N SER A 147 -6.19 -16.35 -13.06
CA SER A 147 -4.99 -16.15 -13.88
C SER A 147 -4.05 -15.13 -13.27
N MET A 148 -4.51 -14.40 -12.27
CA MET A 148 -3.70 -13.36 -11.65
C MET A 148 -2.99 -13.87 -10.40
N VAL A 149 -3.59 -14.81 -9.67
CA VAL A 149 -3.00 -15.32 -8.45
C VAL A 149 -3.08 -16.84 -8.45
N ASN A 150 -2.42 -17.42 -7.46
CA ASN A 150 -2.54 -18.82 -7.10
C ASN A 150 -3.27 -18.93 -5.79
N PHE A 151 -4.32 -19.75 -5.75
CA PHE A 151 -5.07 -19.90 -4.53
C PHE A 151 -4.41 -20.97 -3.65
N VAL A 152 -4.30 -20.67 -2.37
CA VAL A 152 -3.77 -21.57 -1.36
C VAL A 152 -4.91 -21.89 -0.41
N GLY A 153 -5.18 -23.19 -0.23
CA GLY A 153 -6.27 -23.63 0.61
C GLY A 153 -5.76 -24.14 1.94
N ILE A 154 -6.12 -23.44 3.02
CA ILE A 154 -5.77 -23.90 4.36
C ILE A 154 -6.65 -25.08 4.73
N ARG A 155 -6.02 -26.18 5.12
CA ARG A 155 -6.85 -27.37 5.39
C ARG A 155 -6.34 -28.15 6.59
N ARG A 156 -7.26 -28.71 7.33
CA ARG A 156 -6.89 -29.65 8.42
C ARG A 156 -6.84 -31.01 7.73
N PRO A 157 -5.81 -31.84 7.98
CA PRO A 157 -5.65 -33.13 7.29
C PRO A 157 -6.91 -33.97 7.32
N GLY A 158 -7.28 -34.53 6.17
CA GLY A 158 -8.52 -35.27 6.02
C GLY A 158 -9.73 -34.42 5.67
N TYR A 159 -9.62 -33.09 5.73
CA TYR A 159 -10.68 -32.23 5.23
C TYR A 159 -10.95 -32.51 3.75
N THR A 160 -12.22 -32.61 3.39
CA THR A 160 -12.63 -32.83 2.01
C THR A 160 -13.63 -31.76 1.62
N THR A 161 -13.55 -31.31 0.38
CA THR A 161 -14.52 -30.36 -0.16
C THR A 161 -14.48 -30.48 -1.67
N ASP A 162 -15.60 -30.12 -2.30
CA ASP A 162 -15.71 -30.20 -3.75
C ASP A 162 -15.13 -28.93 -4.35
N THR A 163 -13.93 -29.06 -4.93
CA THR A 163 -13.17 -27.94 -5.45
C THR A 163 -12.46 -28.37 -6.72
N PRO A 164 -13.18 -28.35 -7.87
CA PRO A 164 -12.58 -28.66 -9.17
C PRO A 164 -11.99 -27.42 -9.88
N TYR A 165 -11.24 -26.63 -9.13
CA TYR A 165 -10.33 -25.56 -9.46
C TYR A 165 -8.97 -25.96 -8.90
N PRO A 166 -7.87 -25.79 -9.62
CA PRO A 166 -6.57 -26.10 -9.01
C PRO A 166 -6.29 -25.15 -7.85
N VAL A 167 -5.84 -25.72 -6.74
CA VAL A 167 -5.65 -25.05 -5.47
C VAL A 167 -4.38 -25.63 -4.86
N ILE A 168 -3.52 -24.78 -4.29
CA ILE A 168 -2.39 -25.28 -3.51
C ILE A 168 -2.88 -25.55 -2.08
N TRP A 169 -2.90 -26.81 -1.66
CA TRP A 169 -3.41 -27.16 -0.33
C TRP A 169 -2.28 -27.16 0.70
N VAL A 170 -2.51 -26.50 1.83
CA VAL A 170 -1.58 -26.51 2.95
C VAL A 170 -2.28 -27.09 4.17
N ASP A 171 -1.68 -28.14 4.74
CA ASP A 171 -2.20 -28.70 5.99
C ASP A 171 -1.78 -27.80 7.16
N VAL A 172 -2.73 -27.52 8.05
CA VAL A 172 -2.47 -26.66 9.22
C VAL A 172 -3.26 -27.26 10.38
N PRO A 173 -2.67 -27.37 11.58
CA PRO A 173 -3.45 -27.88 12.73
C PRO A 173 -4.70 -27.05 12.94
N GLU A 174 -5.79 -27.69 13.32
CA GLU A 174 -6.99 -26.89 13.54
C GLU A 174 -6.80 -26.04 14.78
N ILE A 175 -7.13 -24.77 14.65
CA ILE A 175 -7.04 -23.81 15.74
C ILE A 175 -8.36 -23.06 15.68
N ASP A 176 -9.30 -23.41 16.56
CA ASP A 176 -10.67 -22.93 16.44
C ASP A 176 -10.84 -21.63 17.24
N ILE A 177 -10.20 -20.58 16.74
CA ILE A 177 -10.26 -19.24 17.33
C ILE A 177 -10.88 -18.29 16.30
N SER A 178 -11.94 -17.58 16.70
CA SER A 178 -12.64 -16.65 15.84
C SER A 178 -12.74 -15.29 16.51
N SER A 179 -12.69 -14.23 15.69
CA SER A 179 -12.71 -12.89 16.27
C SER A 179 -14.03 -12.61 16.98
N THR A 180 -15.12 -13.21 16.51
CA THR A 180 -16.44 -13.02 17.16
C THR A 180 -16.36 -13.50 18.61
N LYS A 181 -15.81 -14.69 18.82
CA LYS A 181 -15.68 -15.27 20.19
C LYS A 181 -14.77 -14.37 21.03
N ILE A 182 -13.68 -13.90 20.44
CA ILE A 182 -12.75 -13.05 21.22
C ILE A 182 -13.51 -11.80 21.59
N ARG A 183 -14.14 -11.14 20.62
CA ARG A 183 -14.82 -9.89 20.95
C ARG A 183 -15.75 -10.08 22.13
N GLN A 184 -16.53 -11.14 22.11
CA GLN A 184 -17.49 -11.33 23.17
C GLN A 184 -16.82 -11.84 24.45
N LYS A 185 -15.73 -12.57 24.33
CA LYS A 185 -14.98 -12.91 25.56
C LYS A 185 -14.57 -11.59 26.20
N ILE A 186 -14.12 -10.62 25.39
CA ILE A 186 -13.71 -9.34 25.95
C ILE A 186 -14.91 -8.61 26.55
N LYS A 187 -16.07 -8.73 25.89
CA LYS A 187 -17.27 -8.06 26.38
C LYS A 187 -17.81 -8.71 27.65
N GLU A 188 -17.38 -9.94 27.95
CA GLU A 188 -17.83 -10.65 29.14
C GLU A 188 -16.76 -10.70 30.23
N GLY A 189 -15.60 -10.12 29.99
CA GLY A 189 -14.49 -10.22 30.92
C GLY A 189 -13.73 -11.53 30.91
N CYS A 190 -14.06 -12.45 30.00
CA CYS A 190 -13.37 -13.74 29.93
C CYS A 190 -11.92 -13.56 29.46
N SER A 191 -11.08 -14.52 29.86
CA SER A 191 -9.66 -14.47 29.52
C SER A 191 -9.45 -14.67 28.02
N ILE A 192 -8.46 -13.98 27.47
CA ILE A 192 -8.09 -14.23 26.07
C ILE A 192 -6.58 -14.44 25.94
N ARG A 193 -5.88 -14.61 27.06
CA ARG A 193 -4.45 -14.89 27.03
C ARG A 193 -4.18 -16.12 26.17
N TYR A 194 -3.15 -16.03 25.32
CA TYR A 194 -2.67 -17.06 24.40
C TYR A 194 -3.56 -17.25 23.17
N LEU A 195 -4.77 -16.72 23.19
CA LEU A 195 -5.59 -16.79 21.99
C LEU A 195 -5.26 -15.56 21.17
N VAL A 196 -4.75 -14.51 21.82
CA VAL A 196 -4.45 -13.23 21.20
C VAL A 196 -3.04 -12.85 21.65
N PRO A 197 -2.19 -12.31 20.77
CA PRO A 197 -0.84 -11.91 21.20
C PRO A 197 -0.88 -10.92 22.35
N ASP A 198 0.14 -11.01 23.22
CA ASP A 198 0.21 -10.22 24.44
C ASP A 198 0.18 -8.71 24.15
N LYS A 199 0.94 -8.25 23.13
CA LYS A 199 0.93 -6.83 22.77
C LYS A 199 -0.41 -6.40 22.20
N VAL A 200 -1.20 -7.33 21.64
CA VAL A 200 -2.52 -6.96 21.15
C VAL A 200 -3.50 -6.84 22.30
N ILE A 201 -3.41 -7.77 23.27
CA ILE A 201 -4.23 -7.66 24.47
C ILE A 201 -3.99 -6.31 25.16
N ASP A 202 -2.72 -5.91 25.29
CA ASP A 202 -2.40 -4.64 25.96
C ASP A 202 -3.06 -3.47 25.25
N TYR A 203 -2.87 -3.37 23.94
CA TYR A 203 -3.45 -2.28 23.16
C TYR A 203 -4.98 -2.29 23.28
N ILE A 204 -5.61 -3.46 23.20
CA ILE A 204 -7.06 -3.56 23.42
C ILE A 204 -7.42 -2.98 24.80
N GLN A 205 -6.68 -3.38 25.83
CA GLN A 205 -6.98 -2.88 27.17
C GLN A 205 -6.74 -1.37 27.25
N ASN A 206 -5.55 -0.92 26.82
CA ASN A 206 -5.18 0.49 26.87
C ASN A 206 -6.14 1.39 26.11
N GLU A 207 -6.99 0.84 25.24
CA GLU A 207 -7.84 1.65 24.38
C GLU A 207 -9.32 1.46 24.65
N GLY A 208 -9.69 0.59 25.60
CA GLY A 208 -11.10 0.34 25.86
C GLY A 208 -11.78 -0.42 24.75
N LEU A 209 -11.00 -1.11 23.94
CA LEU A 209 -11.52 -1.70 22.72
C LEU A 209 -12.54 -2.78 23.06
N TYR A 210 -13.59 -2.89 22.24
CA TYR A 210 -14.53 -4.01 22.27
C TYR A 210 -15.32 -4.06 23.59
N GLU A 211 -15.61 -2.89 24.15
CA GLU A 211 -16.45 -2.77 25.35
C GLU A 211 -15.80 -3.49 26.52
N TYR A 212 -14.54 -3.12 26.78
CA TYR A 212 -13.76 -3.72 27.89
C TYR A 212 -13.74 -2.73 29.06
N GLU B 22 15.44 -11.96 -7.47
CA GLU B 22 16.78 -11.78 -8.05
C GLU B 22 16.94 -10.37 -8.60
N LYS B 23 15.87 -9.83 -9.16
CA LYS B 23 15.90 -8.45 -9.64
C LYS B 23 15.79 -7.52 -8.44
N LYS B 24 16.79 -6.66 -8.26
CA LYS B 24 16.70 -5.54 -7.35
C LYS B 24 15.98 -4.41 -8.09
N LYS B 25 14.80 -4.09 -7.61
CA LYS B 25 13.90 -3.19 -8.32
C LYS B 25 14.30 -1.75 -8.07
N GLN B 26 14.29 -0.95 -9.12
CA GLN B 26 14.65 0.46 -8.95
C GLN B 26 13.39 1.28 -9.15
N VAL B 27 12.89 1.85 -8.07
CA VAL B 27 11.55 2.40 -8.07
C VAL B 27 11.63 3.84 -7.59
N GLY B 28 11.10 4.77 -8.40
CA GLY B 28 11.00 6.14 -7.96
C GLY B 28 9.79 6.38 -7.08
N ILE B 29 9.91 7.37 -6.21
CA ILE B 29 8.82 7.83 -5.35
C ILE B 29 8.68 9.34 -5.54
N LEU B 30 7.50 9.79 -5.92
CA LEU B 30 7.22 11.22 -5.92
C LEU B 30 6.14 11.49 -4.88
N GLY B 31 6.52 12.20 -3.84
CA GLY B 31 5.62 12.59 -2.77
C GLY B 31 4.91 13.90 -3.05
N GLY B 32 3.91 14.17 -2.23
CA GLY B 32 3.21 15.43 -2.29
C GLY B 32 1.77 15.23 -1.83
N THR B 33 1.01 16.32 -1.94
CA THR B 33 -0.40 16.29 -1.61
C THR B 33 -1.28 15.94 -2.80
N PHE B 34 -0.86 16.33 -4.02
CA PHE B 34 -1.65 16.14 -5.24
C PHE B 34 -3.09 16.64 -5.04
N ASN B 35 -3.18 17.95 -4.88
CA ASN B 35 -4.40 18.61 -4.42
C ASN B 35 -4.91 19.68 -5.40
N PRO B 36 -5.25 19.30 -6.65
CA PRO B 36 -5.31 17.97 -7.28
C PRO B 36 -4.02 17.59 -7.99
N VAL B 37 -3.95 16.35 -8.51
CA VAL B 37 -2.88 15.99 -9.42
C VAL B 37 -3.03 16.78 -10.71
N HIS B 38 -1.90 17.11 -11.35
CA HIS B 38 -1.90 17.87 -12.59
C HIS B 38 -0.70 17.48 -13.45
N LEU B 39 -0.61 18.10 -14.63
CA LEU B 39 0.40 17.76 -15.64
C LEU B 39 1.82 17.79 -15.12
N ALA B 40 2.19 18.80 -14.34
CA ALA B 40 3.58 18.86 -13.90
C ALA B 40 3.94 17.65 -13.04
N HIS B 41 2.97 17.14 -12.24
CA HIS B 41 3.24 15.93 -11.44
C HIS B 41 3.59 14.76 -12.33
N LEU B 42 2.85 14.61 -13.44
CA LEU B 42 3.04 13.46 -14.31
C LEU B 42 4.33 13.57 -15.08
N VAL B 43 4.62 14.77 -15.61
CA VAL B 43 5.87 15.00 -16.32
C VAL B 43 7.07 14.81 -15.40
N MET B 44 7.02 15.39 -14.19
CA MET B 44 8.07 15.14 -13.21
C MET B 44 8.29 13.65 -13.00
N ALA B 45 7.22 12.91 -12.71
CA ALA B 45 7.42 11.51 -12.36
C ALA B 45 7.93 10.72 -13.55
N GLU B 46 7.28 10.88 -14.70
CA GLU B 46 7.64 10.10 -15.88
C GLU B 46 9.06 10.41 -16.31
N GLN B 47 9.37 11.69 -16.43
CA GLN B 47 10.68 12.08 -16.94
C GLN B 47 11.77 11.73 -15.95
N ALA B 48 11.58 12.02 -14.66
CA ALA B 48 12.63 11.69 -13.69
C ALA B 48 12.97 10.20 -13.72
N GLY B 49 11.95 9.35 -13.78
CA GLY B 49 12.17 7.92 -13.76
C GLY B 49 12.68 7.37 -15.07
N ARG B 50 12.11 7.82 -16.19
CA ARG B 50 12.60 7.38 -17.49
C ARG B 50 14.02 7.87 -17.74
N ASN B 51 14.32 9.11 -17.35
CA ASN B 51 15.64 9.67 -17.64
C ASN B 51 16.72 8.90 -16.88
N LEU B 52 16.40 8.45 -15.67
CA LEU B 52 17.33 7.65 -14.87
C LEU B 52 17.27 6.16 -15.19
N GLY B 53 16.33 5.72 -16.03
CA GLY B 53 16.19 4.30 -16.31
C GLY B 53 15.56 3.47 -15.19
N LEU B 54 14.80 4.10 -14.28
CA LEU B 54 14.16 3.35 -13.21
C LEU B 54 13.13 2.38 -13.80
N ASP B 55 12.76 1.40 -12.97
CA ASP B 55 11.76 0.42 -13.37
C ASP B 55 10.33 0.95 -13.29
N ARG B 56 10.07 1.86 -12.36
N ARG B 56 10.10 1.82 -12.31
CA ARG B 56 8.71 2.32 -12.06
CA ARG B 56 8.74 2.35 -12.09
C ARG B 56 8.81 3.57 -11.20
C ARG B 56 8.79 3.56 -11.14
N VAL B 57 7.76 4.39 -11.21
CA VAL B 57 7.64 5.53 -10.31
C VAL B 57 6.25 5.52 -9.70
N PHE B 58 6.18 5.65 -8.39
CA PHE B 58 4.92 5.72 -7.66
C PHE B 58 4.71 7.15 -7.23
N LEU B 59 3.51 7.68 -7.44
CA LEU B 59 3.13 8.93 -6.80
C LEU B 59 2.56 8.56 -5.43
N MET B 60 3.01 9.26 -4.39
CA MET B 60 2.70 8.82 -3.04
C MET B 60 1.97 9.97 -2.33
N PRO B 61 0.65 10.00 -2.34
CA PRO B 61 -0.05 11.13 -1.72
C PRO B 61 0.03 11.06 -0.20
N SER B 62 0.40 12.18 0.41
CA SER B 62 0.44 12.25 1.86
C SER B 62 -0.98 12.39 2.42
N TYR B 63 -1.16 11.96 3.68
CA TYR B 63 -2.51 11.95 4.25
C TYR B 63 -2.92 13.34 4.71
N GLN B 64 -2.08 14.00 5.48
CA GLN B 64 -2.30 15.40 5.80
C GLN B 64 -0.98 16.15 5.69
N PRO B 65 -0.82 17.03 4.69
CA PRO B 65 0.39 17.81 4.43
C PRO B 65 0.96 18.50 5.67
N THR B 73 -8.89 20.84 3.96
CA THR B 73 -8.35 19.49 3.67
C THR B 73 -9.31 18.76 2.73
N ILE B 74 -8.99 18.70 1.44
CA ILE B 74 -9.85 17.89 0.52
C ILE B 74 -9.70 16.43 0.93
N ASP B 75 -10.80 15.68 0.91
CA ASP B 75 -10.77 14.27 1.36
C ASP B 75 -9.66 13.49 0.66
N ALA B 76 -8.89 12.74 1.43
CA ALA B 76 -7.89 11.86 0.85
C ALA B 76 -8.50 10.96 -0.23
N LYS B 77 -9.71 10.46 0.00
CA LYS B 77 -10.27 9.55 -1.00
C LYS B 77 -10.50 10.28 -2.32
N HIS B 78 -10.80 11.59 -2.27
CA HIS B 78 -10.91 12.34 -3.51
C HIS B 78 -9.55 12.44 -4.19
N ARG B 79 -8.50 12.78 -3.42
CA ARG B 79 -7.19 12.91 -4.04
C ARG B 79 -6.71 11.58 -4.60
N LEU B 80 -7.02 10.47 -3.91
CA LEU B 80 -6.64 9.14 -4.37
C LEU B 80 -7.35 8.78 -5.67
N ASN B 81 -8.65 9.06 -5.76
CA ASN B 81 -9.39 8.77 -6.99
C ASN B 81 -8.81 9.56 -8.16
N MET B 82 -8.55 10.84 -7.97
CA MET B 82 -8.00 11.66 -9.05
C MET B 82 -6.68 11.09 -9.53
N LEU B 83 -5.82 10.71 -8.57
CA LEU B 83 -4.52 10.16 -8.93
C LEU B 83 -4.65 8.89 -9.74
N GLU B 84 -5.62 8.06 -9.39
CA GLU B 84 -5.67 6.76 -10.03
C GLU B 84 -6.14 6.93 -11.47
N LEU B 85 -7.07 7.86 -11.67
CA LEU B 85 -7.46 8.25 -13.02
C LEU B 85 -6.32 8.88 -13.79
N ALA B 86 -5.42 9.60 -13.10
CA ALA B 86 -4.36 10.31 -13.82
C ALA B 86 -3.30 9.35 -14.36
N VAL B 87 -3.03 8.26 -13.66
CA VAL B 87 -1.97 7.34 -14.08
C VAL B 87 -2.54 6.09 -14.71
N GLU B 88 -3.87 6.05 -14.89
CA GLU B 88 -4.61 4.87 -15.33
C GLU B 88 -3.94 4.16 -16.49
N ASP B 89 -3.65 4.91 -17.56
CA ASP B 89 -3.33 4.32 -18.85
C ASP B 89 -1.82 4.16 -19.04
N ASN B 90 -1.06 4.13 -17.95
CA ASN B 90 0.41 4.23 -18.02
C ASN B 90 0.98 3.23 -17.04
N PRO B 91 1.47 2.08 -17.51
CA PRO B 91 2.04 1.10 -16.59
C PRO B 91 3.27 1.61 -15.87
N PHE B 92 3.92 2.66 -16.38
CA PHE B 92 5.12 3.15 -15.73
C PHE B 92 4.82 3.89 -14.43
N LEU B 93 3.66 4.51 -14.31
CA LEU B 93 3.31 5.34 -13.16
C LEU B 93 2.24 4.62 -12.34
N GLN B 94 2.53 4.36 -11.06
CA GLN B 94 1.58 3.71 -10.17
C GLN B 94 1.36 4.59 -8.96
N ILE B 95 0.45 4.18 -8.09
CA ILE B 95 0.13 4.93 -6.89
C ILE B 95 0.56 4.13 -5.68
N GLU B 96 1.21 4.79 -4.73
CA GLU B 96 1.62 4.20 -3.46
C GLU B 96 0.74 4.78 -2.35
N THR B 97 -0.11 3.94 -1.76
CA THR B 97 -1.16 4.42 -0.86
C THR B 97 -0.84 4.28 0.63
N ILE B 98 0.39 3.93 1.00
CA ILE B 98 0.65 3.56 2.40
C ILE B 98 0.39 4.74 3.34
N GLU B 99 0.67 5.97 2.89
CA GLU B 99 0.47 7.10 3.79
C GLU B 99 -1.02 7.37 4.01
N LEU B 100 -1.85 7.03 3.02
CA LEU B 100 -3.29 7.24 3.17
C LEU B 100 -3.90 6.17 4.07
N ALA B 101 -3.38 4.95 4.02
CA ALA B 101 -3.84 3.90 4.94
C ALA B 101 -3.36 4.16 6.35
N ARG B 102 -2.08 4.53 6.52
CA ARG B 102 -1.53 4.68 7.86
C ARG B 102 -2.22 5.79 8.63
N GLY B 103 -2.74 6.80 7.93
CA GLY B 103 -3.41 7.93 8.56
C GLY B 103 -2.47 8.80 9.38
N GLY B 104 -3.06 9.77 10.08
CA GLY B 104 -2.29 10.62 10.97
C GLY B 104 -1.41 11.62 10.21
N LYS B 105 -0.16 11.75 10.63
CA LYS B 105 0.79 12.60 9.85
C LYS B 105 2.10 11.83 9.75
N SER B 106 2.12 10.75 8.98
CA SER B 106 3.33 9.91 8.95
C SER B 106 4.50 10.74 8.43
N TYR B 107 5.59 10.74 9.19
CA TYR B 107 6.81 11.45 8.73
C TYR B 107 7.46 10.59 7.66
N THR B 108 8.20 11.21 6.76
CA THR B 108 8.76 10.45 5.63
C THR B 108 9.67 9.32 6.10
N TYR B 109 10.38 9.52 7.21
CA TYR B 109 11.22 8.46 7.75
C TYR B 109 10.41 7.20 8.02
N ASP B 110 9.29 7.35 8.74
CA ASP B 110 8.46 6.19 9.08
C ASP B 110 7.92 5.50 7.84
N THR B 111 7.52 6.28 6.83
CA THR B 111 6.99 5.71 5.60
C THR B 111 8.03 4.86 4.89
N MET B 112 9.26 5.38 4.73
CA MET B 112 10.23 4.54 4.03
C MET B 112 10.87 3.47 4.91
N LYS B 113 10.87 3.63 6.23
CA LYS B 113 11.16 2.48 7.08
C LYS B 113 10.21 1.33 6.76
N GLU B 114 8.90 1.59 6.73
CA GLU B 114 7.96 0.50 6.46
C GLU B 114 8.05 0.00 5.02
N LEU B 115 8.23 0.92 4.05
CA LEU B 115 8.32 0.51 2.65
C LEU B 115 9.56 -0.34 2.39
N THR B 116 10.71 0.06 2.95
CA THR B 116 11.92 -0.74 2.76
C THR B 116 11.83 -2.07 3.50
N GLN B 117 11.07 -2.14 4.61
CA GLN B 117 10.86 -3.42 5.29
C GLN B 117 9.94 -4.31 4.48
N ASN B 118 8.84 -3.77 3.97
CA ASN B 118 7.97 -4.55 3.12
C ASN B 118 8.67 -4.98 1.84
N ASN B 119 9.63 -4.19 1.36
CA ASN B 119 10.16 -4.37 0.01
C ASN B 119 11.69 -4.41 0.04
N PRO B 120 12.26 -5.45 0.66
CA PRO B 120 13.74 -5.50 0.80
C PRO B 120 14.45 -5.65 -0.53
N ASP B 121 13.76 -6.06 -1.57
CA ASP B 121 14.33 -6.16 -2.91
C ASP B 121 14.36 -4.81 -3.64
N THR B 122 13.91 -3.72 -3.05
CA THR B 122 13.67 -2.49 -3.80
C THR B 122 14.64 -1.40 -3.37
N ASP B 123 15.25 -0.73 -4.34
CA ASP B 123 16.01 0.51 -4.13
C ASP B 123 15.09 1.67 -4.45
N TYR B 124 14.84 2.54 -3.47
CA TYR B 124 13.91 3.64 -3.63
C TYR B 124 14.64 4.94 -3.97
N TYR B 125 14.10 5.65 -4.96
CA TYR B 125 14.63 6.95 -5.41
C TYR B 125 13.56 7.98 -5.08
N PHE B 126 13.81 8.77 -4.04
CA PHE B 126 12.85 9.76 -3.55
C PHE B 126 13.05 11.04 -4.34
N ILE B 127 12.08 11.40 -5.17
CA ILE B 127 12.23 12.47 -6.12
C ILE B 127 11.76 13.78 -5.49
N ILE B 128 12.65 14.77 -5.37
CA ILE B 128 12.23 16.06 -4.85
C ILE B 128 12.65 17.21 -5.76
N GLY B 129 11.96 18.35 -5.58
CA GLY B 129 12.32 19.54 -6.30
C GLY B 129 13.67 20.10 -5.86
N GLY B 130 14.41 20.65 -6.83
CA GLY B 130 15.69 21.26 -6.51
C GLY B 130 15.59 22.37 -5.49
N ASP B 131 14.44 23.07 -5.44
CA ASP B 131 14.25 24.05 -4.38
C ASP B 131 13.98 23.40 -3.03
N MET B 132 13.64 22.11 -3.01
CA MET B 132 13.34 21.44 -1.72
C MET B 132 14.63 20.90 -1.11
N VAL B 133 15.69 20.79 -1.91
CA VAL B 133 16.91 20.15 -1.43
C VAL B 133 17.56 20.96 -0.32
N GLU B 134 17.43 22.28 -0.35
CA GLU B 134 18.05 23.10 0.70
C GLU B 134 17.34 22.96 2.05
N TYR B 135 16.13 22.40 2.10
CA TYR B 135 15.43 22.23 3.37
C TYR B 135 15.59 20.84 3.96
N LEU B 136 16.27 19.93 3.26
CA LEU B 136 16.64 18.58 3.72
C LEU B 136 17.10 18.51 5.17
N PRO B 137 17.93 19.44 5.68
CA PRO B 137 18.30 19.35 7.11
C PRO B 137 17.16 19.60 8.07
N LYS B 138 16.03 20.16 7.62
CA LYS B 138 14.82 20.27 8.43
C LYS B 138 14.00 18.98 8.48
N TRP B 139 14.32 17.98 7.66
CA TRP B 139 13.50 16.77 7.63
C TRP B 139 13.76 15.93 8.87
N TYR B 140 12.68 15.39 9.42
CA TYR B 140 12.78 14.54 10.60
C TYR B 140 13.64 13.32 10.28
N LYS B 141 14.69 13.08 11.08
CA LYS B 141 15.57 11.92 10.93
C LYS B 141 16.22 11.85 9.55
N ILE B 142 16.47 13.01 8.92
CA ILE B 142 16.96 13.02 7.54
C ILE B 142 18.22 12.16 7.40
N ASP B 143 19.09 12.19 8.41
CA ASP B 143 20.35 11.43 8.34
C ASP B 143 20.09 9.94 8.20
N GLU B 144 19.18 9.40 9.01
CA GLU B 144 18.79 8.01 8.86
C GLU B 144 18.12 7.78 7.50
N LEU B 145 17.41 8.80 7.01
CA LEU B 145 16.60 8.63 5.81
C LEU B 145 17.47 8.52 4.56
N THR B 146 18.51 9.34 4.45
CA THR B 146 19.44 9.19 3.33
C THR B 146 20.13 7.84 3.34
N SER B 147 20.04 7.08 4.44
CA SER B 147 20.57 5.73 4.42
C SER B 147 19.58 4.72 3.86
N MET B 148 18.27 5.04 3.91
CA MET B 148 17.24 4.15 3.36
C MET B 148 16.99 4.36 1.87
N VAL B 149 17.07 5.60 1.37
CA VAL B 149 16.65 5.90 0.01
C VAL B 149 17.76 6.67 -0.71
N ASN B 150 17.59 6.76 -2.02
CA ASN B 150 18.44 7.58 -2.87
C ASN B 150 17.66 8.84 -3.23
N PHE B 151 18.19 10.00 -2.86
CA PHE B 151 17.53 11.27 -3.15
C PHE B 151 17.83 11.70 -4.59
N VAL B 152 16.78 11.98 -5.36
CA VAL B 152 16.90 12.48 -6.73
C VAL B 152 16.36 13.90 -6.76
N GLY B 153 17.20 14.85 -7.12
CA GLY B 153 16.79 16.24 -7.27
C GLY B 153 16.51 16.61 -8.71
N ILE B 154 15.48 17.43 -8.91
CA ILE B 154 15.13 17.97 -10.22
C ILE B 154 15.91 19.27 -10.44
N ARG B 155 16.83 19.25 -11.40
CA ARG B 155 17.71 20.41 -11.59
C ARG B 155 16.91 21.62 -12.05
N ARG B 156 17.33 22.77 -11.51
CA ARG B 156 16.76 24.05 -11.97
C ARG B 156 17.97 24.76 -12.58
N PRO B 157 17.88 25.34 -13.79
CA PRO B 157 18.98 26.13 -14.32
C PRO B 157 19.14 27.42 -13.49
N GLY B 158 18.36 27.57 -12.41
CA GLY B 158 18.48 28.75 -11.50
C GLY B 158 19.02 28.42 -10.12
N TYR B 159 20.12 27.65 -10.02
CA TYR B 159 20.77 27.32 -8.73
C TYR B 159 21.92 26.34 -8.92
N THR B 160 22.78 26.17 -7.91
CA THR B 160 23.80 25.14 -8.04
C THR B 160 23.21 23.79 -7.63
N THR B 161 23.91 22.73 -8.01
CA THR B 161 23.55 21.39 -7.54
C THR B 161 24.32 20.99 -6.29
N ASP B 162 25.14 21.88 -5.74
CA ASP B 162 26.00 21.49 -4.64
C ASP B 162 25.20 21.44 -3.34
N THR B 163 25.41 20.36 -2.58
CA THR B 163 24.71 20.12 -1.31
C THR B 163 25.50 19.07 -0.55
N PRO B 164 25.43 19.07 0.79
CA PRO B 164 26.14 18.03 1.54
C PRO B 164 25.50 16.67 1.40
N TYR B 165 24.21 16.63 1.15
CA TYR B 165 23.47 15.37 1.15
C TYR B 165 23.79 14.59 -0.14
N PRO B 166 23.67 13.26 -0.09
CA PRO B 166 23.94 12.48 -1.31
C PRO B 166 22.74 12.49 -2.23
N VAL B 167 22.69 13.48 -3.13
CA VAL B 167 21.61 13.69 -4.06
C VAL B 167 22.15 13.50 -5.46
N ILE B 168 21.42 12.76 -6.32
CA ILE B 168 21.73 12.72 -7.74
C ILE B 168 20.69 13.57 -8.48
N TRP B 169 21.07 14.09 -9.64
CA TRP B 169 20.31 15.14 -10.28
C TRP B 169 19.81 14.67 -11.63
N VAL B 170 18.57 15.07 -11.96
CA VAL B 170 17.98 14.84 -13.27
C VAL B 170 17.40 16.15 -13.80
N ASP B 171 17.38 16.27 -15.11
CA ASP B 171 16.74 17.39 -15.78
C ASP B 171 15.34 16.97 -16.23
N VAL B 172 14.36 17.84 -16.01
CA VAL B 172 13.03 17.63 -16.60
C VAL B 172 12.52 18.95 -17.12
N PRO B 173 11.72 18.93 -18.18
CA PRO B 173 11.13 20.17 -18.72
C PRO B 173 10.45 20.98 -17.63
N GLU B 174 10.69 22.28 -17.63
CA GLU B 174 10.01 23.15 -16.68
C GLU B 174 8.51 23.22 -17.01
N ILE B 175 7.69 22.78 -16.07
CA ILE B 175 6.24 22.83 -16.20
C ILE B 175 5.74 23.57 -14.97
N ASP B 176 5.52 24.88 -15.10
CA ASP B 176 5.26 25.69 -13.91
C ASP B 176 3.76 25.80 -13.65
N ILE B 177 3.17 24.65 -13.34
CA ILE B 177 1.78 24.53 -12.88
C ILE B 177 1.83 24.16 -11.40
N SER B 178 1.13 24.93 -10.56
CA SER B 178 0.98 24.60 -9.14
C SER B 178 -0.47 24.26 -8.81
N SER B 179 -0.66 23.35 -7.84
CA SER B 179 -2.02 23.01 -7.40
C SER B 179 -2.76 24.21 -6.83
N THR B 180 -2.04 25.13 -6.19
CA THR B 180 -2.65 26.39 -5.77
C THR B 180 -3.28 27.13 -6.94
N LYS B 181 -2.50 27.36 -8.00
CA LYS B 181 -3.05 28.02 -9.18
C LYS B 181 -4.23 27.24 -9.75
N ILE B 182 -4.12 25.91 -9.80
CA ILE B 182 -5.24 25.12 -10.35
C ILE B 182 -6.50 25.33 -9.51
N ARG B 183 -6.35 25.32 -8.18
CA ARG B 183 -7.52 25.46 -7.32
C ARG B 183 -8.20 26.82 -7.53
N GLN B 184 -7.42 27.91 -7.60
CA GLN B 184 -8.06 29.21 -7.79
C GLN B 184 -8.70 29.30 -9.17
N LYS B 185 -8.06 28.71 -10.19
CA LYS B 185 -8.67 28.68 -11.52
C LYS B 185 -10.02 27.98 -11.47
N ILE B 186 -10.12 26.87 -10.74
CA ILE B 186 -11.40 26.16 -10.61
C ILE B 186 -12.41 27.02 -9.88
N LYS B 187 -11.99 27.68 -8.80
CA LYS B 187 -12.91 28.53 -8.05
C LYS B 187 -13.43 29.68 -8.92
N GLU B 188 -12.56 30.30 -9.71
CA GLU B 188 -12.97 31.42 -10.58
C GLU B 188 -13.71 30.98 -11.83
N GLY B 189 -13.81 29.68 -12.11
CA GLY B 189 -14.43 29.26 -13.35
C GLY B 189 -13.53 29.35 -14.56
N CYS B 190 -12.23 29.34 -14.38
CA CYS B 190 -11.30 29.43 -15.49
C CYS B 190 -10.91 28.05 -16.01
N SER B 191 -10.54 28.00 -17.28
CA SER B 191 -10.18 26.76 -17.92
C SER B 191 -8.93 26.16 -17.28
N ILE B 192 -8.96 24.84 -17.06
CA ILE B 192 -7.78 24.07 -16.67
C ILE B 192 -7.46 22.96 -17.65
N ARG B 193 -8.11 22.95 -18.80
CA ARG B 193 -7.91 21.87 -19.77
C ARG B 193 -6.45 21.85 -20.19
N TYR B 194 -5.92 20.64 -20.32
CA TYR B 194 -4.53 20.36 -20.70
C TYR B 194 -3.53 20.64 -19.58
N LEU B 195 -3.91 21.44 -18.59
CA LEU B 195 -3.08 21.61 -17.40
C LEU B 195 -3.35 20.45 -16.46
N VAL B 196 -4.55 19.88 -16.55
CA VAL B 196 -5.00 18.79 -15.71
C VAL B 196 -5.57 17.74 -16.67
N PRO B 197 -5.30 16.45 -16.45
CA PRO B 197 -5.86 15.39 -17.31
C PRO B 197 -7.38 15.45 -17.39
N ASP B 198 -7.91 15.04 -18.56
CA ASP B 198 -9.32 15.17 -18.84
C ASP B 198 -10.18 14.45 -17.81
N LYS B 199 -9.82 13.21 -17.46
CA LYS B 199 -10.63 12.45 -16.51
C LYS B 199 -10.57 13.05 -15.12
N VAL B 200 -9.46 13.69 -14.78
CA VAL B 200 -9.41 14.38 -13.49
C VAL B 200 -10.34 15.57 -13.52
N ILE B 201 -10.39 16.28 -14.64
CA ILE B 201 -11.33 17.40 -14.77
C ILE B 201 -12.76 16.90 -14.64
N ASP B 202 -13.08 15.81 -15.34
CA ASP B 202 -14.41 15.21 -15.22
C ASP B 202 -14.75 14.90 -13.76
N TYR B 203 -13.83 14.26 -13.03
CA TYR B 203 -14.10 13.92 -11.64
C TYR B 203 -14.30 15.18 -10.81
N ILE B 204 -13.47 16.20 -11.04
CA ILE B 204 -13.62 17.46 -10.31
C ILE B 204 -15.01 18.05 -10.56
N GLN B 205 -15.49 17.95 -11.79
CA GLN B 205 -16.74 18.62 -12.14
C GLN B 205 -17.94 17.81 -11.67
N ASN B 206 -17.89 16.48 -11.83
CA ASN B 206 -18.96 15.62 -11.33
C ASN B 206 -19.08 15.66 -9.81
N GLU B 207 -17.98 15.86 -9.08
CA GLU B 207 -17.99 15.87 -7.62
C GLU B 207 -17.97 17.25 -7.00
N GLY B 208 -18.02 18.31 -7.82
CA GLY B 208 -18.04 19.65 -7.28
C GLY B 208 -16.85 19.97 -6.39
N LEU B 209 -15.66 19.49 -6.75
CA LEU B 209 -14.49 19.78 -5.94
C LEU B 209 -13.98 21.20 -6.16
N TYR B 210 -13.27 21.71 -5.16
CA TYR B 210 -12.52 22.95 -5.24
C TYR B 210 -13.42 24.14 -5.61
N GLU B 211 -14.58 24.19 -4.95
CA GLU B 211 -15.57 25.25 -5.10
C GLU B 211 -16.24 25.21 -6.47
N TYR B 212 -16.27 24.05 -7.13
CA TYR B 212 -16.79 24.00 -8.50
C TYR B 212 -18.31 24.12 -8.55
#